data_6Y8G
#
_entry.id   6Y8G
#
_cell.length_a   65.519
_cell.length_b   108.373
_cell.length_c   112.949
_cell.angle_alpha   90.000
_cell.angle_beta   90.000
_cell.angle_gamma   90.000
#
_symmetry.space_group_name_H-M   'P 21 21 21'
#
loop_
_entity.id
_entity.type
_entity.pdbx_description
1 polymer 'Endo-1,4-beta-xylanase Y'
2 non-polymer 'CADMIUM ION'
3 non-polymer GLYCEROL
4 water water
#
_entity_poly.entity_id   1
_entity_poly.type   'polypeptide(L)'
_entity_poly.pdbx_seq_one_letter_code
;(MSE)ASDKFPVAENPSSSFKYESAVQYRPAPDSYLNPCPQAGRIVKETYTGINGTKSLNVYLPYGYDPNKKYNIFYL
(MSE)HGGGENENTIFSNDVKLQNILDHAI(MSE)NGELEPLIVVTPTFNGGNCTAQNFYQEFRQNVIPFVESKYSTYAE
STTPQGIAASR(MSE)HRGFGGF(SEP)(MSE)GGLTTWYV(MSE)VNCLDYVAYF(MSE)PLSGDYWYGNSPQDKANSI
AEAINRSGLSKREYFVFAATGSEDIAYAN(MSE)NPQIEA(MSE)KALPHFDYTSDFSKGNFYFLVAPGATHWWGYVRHY
IYDALPYFFHELEHHHHHH
;
_entity_poly.pdbx_strand_id   AAA,BBB
#
loop_
_chem_comp.id
_chem_comp.type
_chem_comp.name
_chem_comp.formula
CD non-polymer 'CADMIUM ION' 'Cd 2'
GOL non-polymer GLYCEROL 'C3 H8 O3'
#
# COMPACT_ATOMS: atom_id res chain seq x y z
N PHE A 16 28.97 -5.58 -23.45
CA PHE A 16 28.81 -5.29 -21.97
C PHE A 16 29.56 -6.27 -21.06
N LYS A 17 30.24 -5.72 -20.05
CA LYS A 17 30.89 -6.50 -18.95
C LYS A 17 30.52 -5.88 -17.62
N TYR A 18 30.07 -6.68 -16.67
CA TYR A 18 29.83 -6.16 -15.29
C TYR A 18 31.13 -5.59 -14.71
N GLU A 19 31.05 -4.45 -14.02
CA GLU A 19 32.07 -3.95 -13.08
C GLU A 19 31.54 -4.16 -11.67
N SER A 20 32.43 -4.26 -10.68
CA SER A 20 32.00 -4.47 -9.28
C SER A 20 31.60 -3.17 -8.61
N ALA A 21 32.06 -2.02 -9.08
CA ALA A 21 31.73 -0.71 -8.46
C ALA A 21 31.60 0.30 -9.59
N VAL A 22 30.59 0.12 -10.44
CA VAL A 22 30.41 0.99 -11.62
C VAL A 22 30.29 2.45 -11.12
N GLN A 23 30.90 3.37 -11.84
CA GLN A 23 30.92 4.81 -11.49
C GLN A 23 29.92 5.54 -12.36
N TYR A 24 29.44 6.67 -11.89
CA TYR A 24 28.59 7.57 -12.66
C TYR A 24 29.33 8.05 -13.91
N ARG A 25 28.64 7.99 -15.03
CA ARG A 25 29.17 8.47 -16.31
C ARG A 25 27.97 8.87 -17.15
N PRO A 26 27.85 10.15 -17.52
CA PRO A 26 26.72 10.57 -18.34
C PRO A 26 26.87 9.96 -19.75
N ALA A 27 25.76 9.71 -20.41
CA ALA A 27 25.76 9.39 -21.86
C ALA A 27 26.48 10.52 -22.58
N PRO A 28 27.23 10.28 -23.68
CA PRO A 28 27.70 11.38 -24.52
C PRO A 28 26.56 12.35 -24.90
N ASP A 29 26.86 13.64 -25.06
CA ASP A 29 25.85 14.68 -25.41
C ASP A 29 25.14 14.27 -26.70
N SER A 30 25.85 13.58 -27.60
CA SER A 30 25.28 13.11 -28.89
C SER A 30 24.06 12.18 -28.65
N TYR A 31 24.00 11.53 -27.50
CA TYR A 31 22.94 10.53 -27.18
C TYR A 31 21.64 11.26 -26.88
N LEU A 32 21.68 12.57 -26.63
CA LEU A 32 20.46 13.36 -26.29
C LEU A 32 19.70 13.80 -27.53
N ASN A 33 20.30 13.64 -28.70
CA ASN A 33 19.66 14.01 -29.99
C ASN A 33 19.10 12.77 -30.64
N PRO A 34 18.11 12.92 -31.55
CA PRO A 34 17.49 11.76 -32.19
C PRO A 34 18.48 10.87 -32.91
N CYS A 35 18.29 9.57 -32.78
CA CYS A 35 19.07 8.49 -33.42
C CYS A 35 18.29 8.03 -34.65
N PRO A 36 18.92 7.72 -35.80
CA PRO A 36 18.20 7.21 -36.98
C PRO A 36 17.50 5.89 -36.69
N GLN A 37 18.02 5.10 -35.74
CA GLN A 37 17.46 3.76 -35.42
C GLN A 37 16.50 3.91 -34.24
N ALA A 38 15.40 4.59 -34.48
CA ALA A 38 14.46 5.05 -33.42
C ALA A 38 13.48 3.93 -33.09
N GLY A 39 13.35 3.61 -31.81
CA GLY A 39 12.31 2.68 -31.33
C GLY A 39 10.97 3.38 -31.48
N ARG A 40 9.93 2.63 -31.74
CA ARG A 40 8.55 3.16 -31.84
C ARG A 40 7.99 3.37 -30.43
N ILE A 41 7.35 4.51 -30.19
CA ILE A 41 6.69 4.84 -28.89
C ILE A 41 5.19 4.85 -29.14
N VAL A 42 4.51 3.91 -28.51
CA VAL A 42 3.04 3.76 -28.65
C VAL A 42 2.34 4.29 -27.40
N LYS A 43 1.42 5.22 -27.64
CA LYS A 43 0.52 5.74 -26.58
C LYS A 43 -0.62 4.74 -26.44
N GLU A 44 -0.80 4.19 -25.24
CA GLU A 44 -1.87 3.21 -24.98
C GLU A 44 -2.87 3.80 -23.99
N THR A 45 -4.11 3.32 -24.06
CA THR A 45 -5.18 3.65 -23.08
C THR A 45 -5.81 2.33 -22.62
N TYR A 46 -5.99 2.17 -21.32
CA TYR A 46 -6.52 0.93 -20.71
C TYR A 46 -7.41 1.38 -19.54
N THR A 47 -8.23 0.49 -19.06
CA THR A 47 -9.08 0.74 -17.89
C THR A 47 -8.75 -0.33 -16.87
N GLY A 48 -8.55 0.08 -15.64
CA GLY A 48 -8.20 -0.83 -14.55
C GLY A 48 -8.88 -0.35 -13.30
N ILE A 49 -8.35 -0.71 -12.14
CA ILE A 49 -9.02 -0.47 -10.84
C ILE A 49 -9.05 1.03 -10.55
N ASN A 50 -8.29 1.86 -11.26
CA ASN A 50 -8.28 3.34 -11.07
C ASN A 50 -8.89 4.05 -12.29
N GLY A 51 -9.70 3.34 -13.06
CA GLY A 51 -10.44 3.92 -14.20
C GLY A 51 -9.57 3.93 -15.45
N THR A 52 -9.96 4.76 -16.42
CA THR A 52 -9.31 4.85 -17.75
C THR A 52 -8.03 5.67 -17.61
N LYS A 53 -6.90 5.11 -18.03
CA LYS A 53 -5.59 5.78 -17.91
C LYS A 53 -4.73 5.46 -19.13
N SER A 54 -3.63 6.20 -19.29
CA SER A 54 -2.71 6.03 -20.43
C SER A 54 -1.30 5.65 -19.96
N LEU A 55 -0.54 5.07 -20.86
CA LEU A 55 0.89 4.83 -20.65
C LEU A 55 1.56 4.86 -22.02
N ASN A 56 2.88 4.97 -22.05
CA ASN A 56 3.65 4.92 -23.32
C ASN A 56 4.41 3.62 -23.34
N VAL A 57 4.52 3.00 -24.51
CA VAL A 57 5.36 1.78 -24.65
C VAL A 57 6.44 2.06 -25.67
N TYR A 58 7.69 2.06 -25.20
CA TYR A 58 8.87 2.12 -26.08
C TYR A 58 9.15 0.68 -26.56
N LEU A 59 9.16 0.53 -27.89
CA LEU A 59 9.54 -0.74 -28.55
C LEU A 59 10.90 -0.52 -29.17
N PRO A 60 11.84 -1.47 -29.07
CA PRO A 60 13.17 -1.21 -29.59
C PRO A 60 13.12 -1.26 -31.13
N TYR A 61 14.05 -0.57 -31.76
CA TYR A 61 14.24 -0.58 -33.22
C TYR A 61 14.35 -2.04 -33.65
N GLY A 62 13.64 -2.45 -34.70
CA GLY A 62 13.70 -3.85 -35.15
C GLY A 62 12.81 -4.75 -34.33
N TYR A 63 11.97 -4.20 -33.44
CA TYR A 63 11.07 -5.01 -32.59
C TYR A 63 10.38 -6.07 -33.43
N ASP A 64 10.53 -7.30 -33.01
CA ASP A 64 9.96 -8.49 -33.69
C ASP A 64 9.09 -9.22 -32.68
N PRO A 65 7.76 -9.22 -32.88
CA PRO A 65 6.83 -9.87 -31.96
C PRO A 65 6.92 -11.40 -31.91
N ASN A 66 7.75 -11.99 -32.77
CA ASN A 66 8.09 -13.43 -32.74
C ASN A 66 9.32 -13.63 -31.85
N LYS A 67 9.93 -12.55 -31.31
CA LYS A 67 11.05 -12.68 -30.36
C LYS A 67 10.54 -12.32 -28.98
N LYS A 68 11.30 -12.60 -27.94
CA LYS A 68 10.89 -12.28 -26.53
C LYS A 68 11.79 -11.17 -25.99
N TYR A 69 11.23 -10.11 -25.43
CA TYR A 69 12.02 -8.98 -24.92
C TYR A 69 11.87 -8.88 -23.40
N ASN A 70 12.97 -8.53 -22.72
CA ASN A 70 13.00 -7.99 -21.34
C ASN A 70 12.04 -6.79 -21.31
N ILE A 71 11.43 -6.50 -20.17
CA ILE A 71 10.53 -5.31 -20.05
C ILE A 71 10.84 -4.60 -18.73
N PHE A 72 11.00 -3.30 -18.81
CA PHE A 72 11.35 -2.36 -17.73
C PHE A 72 10.28 -1.28 -17.65
N TYR A 73 9.57 -1.27 -16.53
CA TYR A 73 8.52 -0.29 -16.20
C TYR A 73 9.15 0.86 -15.40
N LEU A 74 8.87 2.10 -15.79
CA LEU A 74 9.68 3.24 -15.31
C LEU A 74 8.73 4.39 -14.99
N MSE A 75 8.75 4.75 -13.72
CA MSE A 75 7.78 5.71 -13.20
C MSE A 75 8.39 7.13 -13.05
O MSE A 75 9.41 7.38 -12.40
CB MSE A 75 7.22 5.20 -11.87
CG MSE A 75 6.08 5.99 -11.29
SE MSE A 75 4.54 6.17 -12.46
CE MSE A 75 3.62 4.51 -12.17
N HIS A 76 7.55 8.08 -13.46
CA HIS A 76 7.79 9.49 -13.33
C HIS A 76 7.72 9.96 -11.87
N GLY A 77 8.06 11.22 -11.64
CA GLY A 77 8.07 11.80 -10.29
C GLY A 77 6.85 12.67 -10.01
N GLY A 78 6.88 13.36 -8.89
CA GLY A 78 5.76 14.25 -8.54
C GLY A 78 5.54 15.33 -9.56
N GLY A 79 4.28 15.60 -9.87
CA GLY A 79 3.81 16.65 -10.78
C GLY A 79 4.00 16.27 -12.23
N GLU A 80 4.44 15.03 -12.49
CA GLU A 80 4.71 14.54 -13.87
C GLU A 80 3.60 13.58 -14.28
N ASN A 81 3.71 13.00 -15.47
CA ASN A 81 2.67 12.12 -16.06
C ASN A 81 3.36 11.11 -17.00
N GLU A 82 2.58 10.21 -17.56
CA GLU A 82 3.06 9.06 -18.39
C GLU A 82 3.82 9.54 -19.63
N ASN A 83 3.71 10.83 -20.01
CA ASN A 83 4.38 11.43 -21.21
C ASN A 83 5.68 12.11 -20.84
N THR A 84 5.99 12.32 -19.57
CA THR A 84 7.14 13.17 -19.20
C THR A 84 8.45 12.56 -19.72
N ILE A 85 8.65 11.28 -19.48
CA ILE A 85 10.00 10.64 -19.67
C ILE A 85 10.40 10.64 -21.16
N PHE A 86 9.43 10.58 -22.06
CA PHE A 86 9.68 10.60 -23.52
C PHE A 86 9.40 12.00 -24.08
N SER A 87 9.21 13.00 -23.23
CA SER A 87 8.99 14.40 -23.63
C SER A 87 10.34 15.08 -23.93
N ASN A 88 10.27 16.30 -24.44
CA ASN A 88 11.44 17.21 -24.59
C ASN A 88 12.12 17.49 -23.28
N ASP A 89 11.45 17.34 -22.15
CA ASP A 89 12.12 17.62 -20.86
C ASP A 89 13.10 16.52 -20.46
N VAL A 90 13.11 15.34 -21.09
CA VAL A 90 13.93 14.20 -20.61
C VAL A 90 14.61 13.54 -21.82
N LYS A 91 13.81 13.18 -22.82
CA LYS A 91 14.33 12.56 -24.08
C LYS A 91 14.99 11.21 -23.77
N LEU A 92 14.48 10.43 -22.82
CA LEU A 92 15.08 9.10 -22.51
C LEU A 92 15.13 8.24 -23.78
N GLN A 93 14.16 8.34 -24.71
CA GLN A 93 14.10 7.45 -25.91
C GLN A 93 15.36 7.65 -26.75
N ASN A 94 15.96 8.84 -26.74
CA ASN A 94 17.13 9.08 -27.58
C ASN A 94 18.30 8.28 -26.99
N ILE A 95 18.40 8.30 -25.68
CA ILE A 95 19.46 7.54 -24.99
C ILE A 95 19.26 6.06 -25.23
N LEU A 96 18.04 5.57 -25.06
CA LEU A 96 17.76 4.13 -25.29
C LEU A 96 18.12 3.79 -26.75
N ASP A 97 17.67 4.61 -27.68
CA ASP A 97 17.92 4.35 -29.13
C ASP A 97 19.41 4.26 -29.40
N HIS A 98 20.17 5.23 -28.92
CA HIS A 98 21.64 5.23 -29.18
C HIS A 98 22.30 4.02 -28.52
N ALA A 99 21.93 3.72 -27.28
CA ALA A 99 22.62 2.66 -26.51
C ALA A 99 22.29 1.29 -27.15
N ILE A 100 21.05 1.08 -27.63
CA ILE A 100 20.70 -0.22 -28.27
C ILE A 100 21.42 -0.32 -29.62
N MSE A 101 21.42 0.77 -30.38
CA MSE A 101 22.13 0.83 -31.66
C MSE A 101 23.62 0.55 -31.49
O MSE A 101 24.15 -0.28 -32.25
CB MSE A 101 21.89 2.14 -32.40
CG MSE A 101 22.75 2.25 -33.71
SE MSE A 101 22.32 3.84 -34.66
CE MSE A 101 24.04 3.91 -35.74
N ASN A 102 24.28 1.10 -30.45
CA ASN A 102 25.72 0.96 -30.25
CA ASN A 102 25.72 0.95 -30.27
C ASN A 102 26.01 -0.38 -29.56
N GLY A 103 25.00 -1.16 -29.15
CA GLY A 103 25.25 -2.48 -28.53
C GLY A 103 25.60 -2.38 -27.07
N GLU A 104 25.47 -1.21 -26.44
CA GLU A 104 25.72 -1.03 -24.96
C GLU A 104 24.54 -1.61 -24.15
N LEU A 105 23.35 -1.61 -24.74
CA LEU A 105 22.09 -2.06 -24.07
C LEU A 105 21.42 -3.08 -24.95
N GLU A 106 21.10 -4.25 -24.44
CA GLU A 106 20.31 -5.23 -25.22
C GLU A 106 18.91 -4.67 -25.45
N PRO A 107 18.34 -4.89 -26.65
CA PRO A 107 16.99 -4.42 -26.95
C PRO A 107 15.98 -4.89 -25.87
N LEU A 108 15.16 -3.94 -25.41
CA LEU A 108 14.07 -4.20 -24.46
C LEU A 108 12.92 -3.26 -24.70
N ILE A 109 11.78 -3.60 -24.08
CA ILE A 109 10.56 -2.78 -24.01
C ILE A 109 10.61 -1.93 -22.73
N VAL A 110 10.39 -0.63 -22.88
CA VAL A 110 10.36 0.30 -21.72
C VAL A 110 8.95 0.89 -21.65
N VAL A 111 8.32 0.76 -20.50
CA VAL A 111 6.94 1.28 -20.34
C VAL A 111 6.99 2.45 -19.36
N THR A 112 6.33 3.55 -19.67
CA THR A 112 6.15 4.69 -18.78
C THR A 112 4.67 4.84 -18.45
N PRO A 113 4.24 4.33 -17.28
CA PRO A 113 2.85 4.48 -16.82
C PRO A 113 2.75 5.73 -15.93
N THR A 114 1.66 5.87 -15.21
CA THR A 114 1.45 7.02 -14.32
C THR A 114 0.76 6.52 -13.06
N PHE A 115 1.12 7.12 -11.96
CA PHE A 115 0.35 6.93 -10.70
C PHE A 115 -0.76 7.98 -10.60
N ASN A 116 -0.99 8.81 -11.61
CA ASN A 116 -2.11 9.79 -11.60
C ASN A 116 -3.44 9.06 -11.88
N GLY A 117 -4.60 9.62 -11.49
CA GLY A 117 -5.90 9.08 -11.90
C GLY A 117 -6.60 8.26 -10.82
N GLY A 118 -7.90 8.52 -10.65
CA GLY A 118 -8.79 7.77 -9.74
C GLY A 118 -8.29 7.78 -8.32
N ASN A 119 -8.19 6.59 -7.73
CA ASN A 119 -7.71 6.34 -6.36
C ASN A 119 -6.19 6.13 -6.38
N CYS A 120 -5.52 6.32 -7.53
CA CYS A 120 -4.08 5.94 -7.69
C CYS A 120 -3.20 6.94 -6.92
N THR A 121 -2.19 6.44 -6.21
CA THR A 121 -1.09 7.27 -5.62
C THR A 121 0.25 6.61 -5.92
N ALA A 122 1.35 7.29 -5.71
CA ALA A 122 2.70 6.72 -5.93
C ALA A 122 2.84 5.48 -5.04
N GLN A 123 2.30 5.48 -3.81
CA GLN A 123 2.47 4.36 -2.85
C GLN A 123 1.59 3.20 -3.34
N ASN A 124 0.37 3.42 -3.86
CA ASN A 124 -0.55 2.26 -4.05
C ASN A 124 -0.56 1.77 -5.50
N PHE A 125 0.25 2.35 -6.37
CA PHE A 125 0.31 2.03 -7.83
C PHE A 125 0.51 0.52 -8.06
N TYR A 126 1.27 -0.17 -7.21
CA TYR A 126 1.64 -1.60 -7.40
C TYR A 126 0.37 -2.43 -7.60
N GLN A 127 -0.77 -2.04 -6.97
CA GLN A 127 -1.99 -2.90 -7.06
C GLN A 127 -2.47 -2.90 -8.53
N GLU A 128 -2.59 -1.71 -9.12
CA GLU A 128 -2.98 -1.50 -10.54
C GLU A 128 -1.90 -2.10 -11.46
N PHE A 129 -0.63 -1.97 -11.08
CA PHE A 129 0.50 -2.56 -11.81
C PHE A 129 0.28 -4.07 -12.00
N ARG A 130 0.04 -4.80 -10.91
CA ARG A 130 -0.21 -6.26 -10.88
C ARG A 130 -1.42 -6.66 -11.73
N GLN A 131 -2.54 -5.98 -11.56
CA GLN A 131 -3.89 -6.45 -11.97
C GLN A 131 -4.17 -6.00 -13.40
N ASN A 132 -3.80 -4.77 -13.74
CA ASN A 132 -4.18 -4.10 -15.00
C ASN A 132 -2.96 -3.91 -15.93
N VAL A 133 -1.90 -3.27 -15.43
CA VAL A 133 -0.80 -2.78 -16.32
C VAL A 133 -0.06 -3.96 -16.96
N ILE A 134 0.42 -4.94 -16.17
CA ILE A 134 1.17 -6.09 -16.75
C ILE A 134 0.29 -6.84 -17.74
N PRO A 135 -0.94 -7.28 -17.37
CA PRO A 135 -1.78 -8.03 -18.30
C PRO A 135 -2.05 -7.26 -19.58
N PHE A 136 -2.30 -5.96 -19.50
CA PHE A 136 -2.58 -5.15 -20.71
C PHE A 136 -1.34 -5.08 -21.61
N VAL A 137 -0.20 -4.67 -21.03
CA VAL A 137 0.99 -4.42 -21.88
C VAL A 137 1.46 -5.75 -22.43
N GLU A 138 1.55 -6.75 -21.58
CA GLU A 138 2.28 -8.00 -21.94
C GLU A 138 1.36 -9.00 -22.67
N SER A 139 0.06 -8.72 -22.80
CA SER A 139 -0.85 -9.43 -23.76
C SER A 139 -0.69 -8.87 -25.15
N LYS A 140 -0.27 -7.61 -25.29
CA LYS A 140 -0.19 -6.91 -26.59
C LYS A 140 1.24 -7.03 -27.18
N TYR A 141 2.28 -7.03 -26.33
CA TYR A 141 3.70 -6.99 -26.77
C TYR A 141 4.43 -8.23 -26.26
N SER A 142 5.49 -8.64 -26.95
CA SER A 142 6.21 -9.90 -26.72
C SER A 142 7.30 -9.74 -25.69
N THR A 143 6.93 -10.12 -24.47
CA THR A 143 7.84 -10.27 -23.34
C THR A 143 8.16 -11.76 -23.16
N TYR A 144 8.76 -12.14 -22.05
CA TYR A 144 9.00 -13.55 -21.75
C TYR A 144 7.73 -14.17 -21.16
N ALA A 145 6.72 -13.37 -20.88
CA ALA A 145 5.45 -13.94 -20.39
C ALA A 145 4.80 -14.74 -21.52
N GLU A 146 4.58 -16.04 -21.31
CA GLU A 146 3.90 -16.92 -22.29
C GLU A 146 2.42 -16.56 -22.28
N SER A 147 1.92 -16.31 -21.08
CA SER A 147 0.56 -15.78 -20.86
C SER A 147 0.62 -14.71 -19.77
N THR A 148 -0.45 -13.96 -19.57
CA THR A 148 -0.49 -12.96 -18.48
C THR A 148 -1.46 -13.39 -17.36
N THR A 149 -1.61 -14.68 -17.11
CA THR A 149 -2.17 -15.19 -15.83
C THR A 149 -1.14 -14.90 -14.74
N PRO A 150 -1.52 -14.90 -13.44
CA PRO A 150 -0.55 -14.80 -12.36
C PRO A 150 0.65 -15.74 -12.51
N GLN A 151 0.42 -16.97 -12.99
CA GLN A 151 1.46 -18.00 -13.23
C GLN A 151 2.37 -17.53 -14.36
N GLY A 152 1.83 -17.08 -15.48
CA GLY A 152 2.63 -16.67 -16.64
C GLY A 152 3.50 -15.48 -16.27
N ILE A 153 2.98 -14.56 -15.45
CA ILE A 153 3.75 -13.34 -15.04
C ILE A 153 4.88 -13.79 -14.10
N ALA A 154 4.54 -14.55 -13.07
CA ALA A 154 5.52 -15.07 -12.09
C ALA A 154 6.62 -15.86 -12.80
N ALA A 155 6.28 -16.68 -13.79
CA ALA A 155 7.28 -17.55 -14.45
C ALA A 155 8.21 -16.72 -15.33
N SER A 156 7.89 -15.44 -15.59
CA SER A 156 8.75 -14.57 -16.42
C SER A 156 9.38 -13.42 -15.60
N ARG A 157 9.32 -13.49 -14.27
CA ARG A 157 9.81 -12.42 -13.37
C ARG A 157 11.27 -12.04 -13.61
N MSE A 158 12.14 -13.00 -13.97
CA MSE A 158 13.55 -12.68 -14.17
C MSE A 158 13.76 -11.77 -15.38
O MSE A 158 14.87 -11.29 -15.57
CB MSE A 158 14.39 -13.96 -14.33
CG MSE A 158 14.44 -14.87 -13.12
SE MSE A 158 15.44 -14.01 -11.65
CE MSE A 158 17.20 -13.90 -12.45
N HIS A 159 12.74 -11.53 -16.18
CA HIS A 159 12.86 -10.72 -17.38
C HIS A 159 12.00 -9.46 -17.26
N ARG A 160 11.70 -9.08 -16.01
CA ARG A 160 10.80 -7.95 -15.70
C ARG A 160 11.45 -7.06 -14.62
N GLY A 161 11.41 -5.76 -14.87
CA GLY A 161 12.07 -4.78 -14.02
C GLY A 161 11.17 -3.60 -13.75
N PHE A 162 11.39 -2.94 -12.64
CA PHE A 162 10.65 -1.70 -12.27
C PHE A 162 11.66 -0.70 -11.76
N GLY A 163 11.46 0.56 -12.14
CA GLY A 163 12.25 1.70 -11.67
C GLY A 163 11.41 2.96 -11.66
N GLY A 164 11.99 4.04 -11.17
CA GLY A 164 11.28 5.32 -11.07
C GLY A 164 12.09 6.37 -10.35
N PHE A 165 11.68 7.62 -10.55
CA PHE A 165 12.38 8.81 -10.01
C PHE A 165 11.48 9.50 -8.98
N SEP A 166 12.05 9.72 -7.81
CA SEP A 166 11.47 10.58 -6.78
CB SEP A 166 11.31 12.02 -7.29
OG SEP A 166 11.01 12.87 -6.13
C SEP A 166 10.20 9.93 -6.26
O SEP A 166 10.27 8.82 -5.74
P SEP A 166 9.84 13.96 -6.37
O1P SEP A 166 8.71 13.24 -7.02
O2P SEP A 166 10.45 15.06 -7.19
O3P SEP A 166 9.59 14.36 -4.94
N MSE A 167 9.03 10.50 -6.47
CA MSE A 167 7.82 9.78 -6.07
CA MSE A 167 7.81 9.79 -6.08
C MSE A 167 7.74 8.44 -6.80
O MSE A 167 7.14 7.48 -6.30
CB MSE A 167 6.56 10.61 -6.34
CB MSE A 167 6.55 10.63 -6.31
CG MSE A 167 6.38 11.81 -5.43
CG MSE A 167 6.10 11.46 -5.10
SE MSE A 167 6.08 11.21 -3.59
SE MSE A 167 4.36 12.39 -5.28
CE MSE A 167 4.21 10.97 -3.90
CE MSE A 167 2.76 11.33 -5.00
N GLY A 168 8.31 8.36 -8.02
CA GLY A 168 8.35 7.09 -8.74
C GLY A 168 9.38 6.10 -8.21
N GLY A 169 10.41 6.59 -7.54
CA GLY A 169 11.33 5.77 -6.75
C GLY A 169 10.66 5.21 -5.49
N LEU A 170 9.79 6.01 -4.88
CA LEU A 170 8.91 5.51 -3.81
C LEU A 170 7.96 4.44 -4.37
N THR A 171 7.33 4.66 -5.54
CA THR A 171 6.54 3.60 -6.22
C THR A 171 7.38 2.33 -6.30
N THR A 172 8.62 2.44 -6.75
CA THR A 172 9.53 1.31 -6.99
C THR A 172 9.72 0.48 -5.70
N TRP A 173 9.91 1.13 -4.58
CA TRP A 173 10.13 0.41 -3.29
C TRP A 173 8.83 -0.32 -2.93
N TYR A 174 7.65 0.28 -3.10
CA TYR A 174 6.36 -0.40 -2.83
C TYR A 174 6.10 -1.51 -3.85
N VAL A 175 6.49 -1.34 -5.12
CA VAL A 175 6.45 -2.45 -6.08
C VAL A 175 7.32 -3.62 -5.60
N MSE A 176 8.52 -3.31 -5.10
CA MSE A 176 9.39 -4.36 -4.64
C MSE A 176 8.77 -5.15 -3.49
O MSE A 176 8.70 -6.38 -3.54
CB MSE A 176 10.74 -3.81 -4.20
CG MSE A 176 11.67 -4.91 -3.70
SE MSE A 176 13.38 -4.14 -3.17
CE MSE A 176 14.32 -5.84 -3.05
N VAL A 177 8.29 -4.47 -2.45
CA VAL A 177 7.80 -5.15 -1.26
C VAL A 177 6.53 -5.95 -1.56
N ASN A 178 5.77 -5.60 -2.59
CA ASN A 178 4.48 -6.25 -2.88
C ASN A 178 4.53 -7.10 -4.16
N CYS A 179 5.60 -7.04 -4.94
CA CYS A 179 5.62 -7.70 -6.28
C CYS A 179 6.90 -8.48 -6.56
N LEU A 180 7.60 -8.96 -5.55
CA LEU A 180 8.77 -9.83 -5.79
C LEU A 180 8.38 -11.04 -6.62
N ASP A 181 7.14 -11.50 -6.52
CA ASP A 181 6.71 -12.69 -7.27
C ASP A 181 6.73 -12.38 -8.77
N TYR A 182 6.60 -11.11 -9.15
CA TYR A 182 6.39 -10.70 -10.56
C TYR A 182 7.64 -10.00 -11.13
N VAL A 183 8.50 -9.45 -10.27
CA VAL A 183 9.61 -8.56 -10.70
C VAL A 183 10.88 -8.97 -10.00
N ALA A 184 11.99 -9.06 -10.75
CA ALA A 184 13.30 -9.45 -10.18
C ALA A 184 14.26 -8.24 -10.08
N TYR A 185 14.09 -7.22 -10.90
CA TYR A 185 15.06 -6.11 -11.04
C TYR A 185 14.41 -4.76 -10.69
N PHE A 186 15.03 -4.03 -9.77
CA PHE A 186 14.48 -2.78 -9.17
C PHE A 186 15.50 -1.66 -9.32
N MSE A 187 15.02 -0.51 -9.79
CA MSE A 187 15.85 0.66 -9.97
C MSE A 187 15.21 1.89 -9.32
O MSE A 187 14.72 2.81 -9.97
CB MSE A 187 16.15 0.92 -11.47
CG MSE A 187 17.32 2.01 -11.64
SE MSE A 187 17.38 2.54 -13.51
CE MSE A 187 17.83 0.85 -14.38
N PRO A 188 15.30 2.01 -7.99
CA PRO A 188 14.78 3.18 -7.33
C PRO A 188 15.74 4.36 -7.48
N LEU A 189 15.27 5.45 -8.10
CA LEU A 189 16.12 6.65 -8.31
C LEU A 189 15.58 7.80 -7.44
N SER A 190 16.42 8.34 -6.57
CA SER A 190 16.13 9.55 -5.75
C SER A 190 14.79 9.39 -5.00
N GLY A 191 14.56 8.26 -4.36
CA GLY A 191 13.30 8.03 -3.62
C GLY A 191 13.57 7.06 -2.51
N ASP A 192 13.00 7.26 -1.33
CA ASP A 192 13.21 6.27 -0.26
C ASP A 192 11.86 5.60 0.02
N TYR A 193 11.91 4.56 0.84
CA TYR A 193 10.79 3.68 1.19
C TYR A 193 10.16 4.24 2.47
N TRP A 194 8.93 4.74 2.40
CA TRP A 194 8.39 5.58 3.50
C TRP A 194 7.98 4.68 4.65
N TYR A 195 7.94 3.36 4.46
CA TYR A 195 7.38 2.37 5.42
C TYR A 195 8.35 2.08 6.58
N GLY A 196 8.25 2.86 7.64
CA GLY A 196 8.90 2.61 8.94
C GLY A 196 9.05 3.91 9.72
N ASN A 197 9.50 3.81 10.97
CA ASN A 197 9.89 4.95 11.84
C ASN A 197 11.43 4.99 11.99
N SER A 198 12.19 4.14 11.28
CA SER A 198 13.69 4.13 11.27
C SER A 198 14.22 3.45 10.01
N PRO A 199 15.52 3.65 9.66
CA PRO A 199 16.14 2.95 8.53
C PRO A 199 16.12 1.42 8.71
N GLN A 200 16.27 0.95 9.95
CA GLN A 200 16.32 -0.50 10.22
C GLN A 200 14.92 -1.05 9.97
N ASP A 201 13.83 -0.33 10.33
CA ASP A 201 12.44 -0.80 10.06
C ASP A 201 12.25 -0.91 8.53
N LYS A 202 12.76 0.06 7.78
CA LYS A 202 12.68 0.03 6.29
C LYS A 202 13.37 -1.26 5.81
N ALA A 203 14.63 -1.46 6.15
CA ALA A 203 15.43 -2.65 5.77
C ALA A 203 14.68 -3.94 6.16
N ASN A 204 14.10 -4.01 7.37
CA ASN A 204 13.46 -5.23 7.91
C ASN A 204 12.20 -5.52 7.12
N SER A 205 11.45 -4.49 6.74
CA SER A 205 10.24 -4.62 5.92
C SER A 205 10.61 -5.32 4.59
N ILE A 206 11.70 -4.88 3.98
CA ILE A 206 12.17 -5.43 2.66
C ILE A 206 12.63 -6.86 2.92
N ALA A 207 13.32 -7.10 4.02
CA ALA A 207 13.82 -8.44 4.36
C ALA A 207 12.64 -9.38 4.57
N GLU A 208 11.59 -8.97 5.28
CA GLU A 208 10.40 -9.83 5.50
C GLU A 208 9.70 -10.12 4.16
N ALA A 209 9.63 -9.14 3.27
CA ALA A 209 9.07 -9.34 1.91
C ALA A 209 9.87 -10.44 1.20
N ILE A 210 11.18 -10.31 1.22
CA ILE A 210 12.09 -11.31 0.61
C ILE A 210 11.88 -12.69 1.25
N ASN A 211 11.85 -12.76 2.59
CA ASN A 211 11.55 -14.04 3.33
C ASN A 211 10.24 -14.65 2.83
N ARG A 212 9.15 -13.86 2.76
CA ARG A 212 7.81 -14.42 2.42
C ARG A 212 7.86 -14.94 0.99
N SER A 213 8.63 -14.32 0.10
CA SER A 213 8.67 -14.63 -1.35
C SER A 213 9.29 -16.02 -1.56
N GLY A 214 10.13 -16.45 -0.65
CA GLY A 214 10.92 -17.70 -0.76
C GLY A 214 12.15 -17.54 -1.65
N LEU A 215 12.38 -16.38 -2.28
CA LEU A 215 13.42 -16.24 -3.34
C LEU A 215 14.83 -16.33 -2.74
N SER A 216 15.77 -16.77 -3.57
CA SER A 216 17.19 -16.78 -3.20
C SER A 216 17.73 -15.39 -3.49
N LYS A 217 18.92 -15.12 -2.97
CA LYS A 217 19.67 -13.85 -3.16
C LYS A 217 20.05 -13.68 -4.62
N ARG A 218 19.95 -14.75 -5.42
CA ARG A 218 20.32 -14.75 -6.85
C ARG A 218 19.09 -14.42 -7.68
N GLU A 219 17.95 -14.14 -7.05
CA GLU A 219 16.66 -14.02 -7.78
C GLU A 219 16.03 -12.63 -7.64
N TYR A 220 16.75 -11.65 -7.09
CA TYR A 220 16.24 -10.28 -7.01
C TYR A 220 17.50 -9.38 -6.94
N PHE A 221 17.35 -8.20 -7.50
CA PHE A 221 18.49 -7.27 -7.74
C PHE A 221 18.00 -5.85 -7.55
N VAL A 222 18.81 -5.05 -6.89
CA VAL A 222 18.46 -3.65 -6.58
C VAL A 222 19.65 -2.79 -6.97
N PHE A 223 19.45 -1.98 -8.01
CA PHE A 223 20.39 -0.90 -8.40
C PHE A 223 19.73 0.43 -8.10
N ALA A 224 20.07 0.98 -6.93
CA ALA A 224 19.55 2.26 -6.48
C ALA A 224 20.50 3.34 -6.98
N ALA A 225 20.00 4.55 -7.17
CA ALA A 225 20.89 5.67 -7.50
C ALA A 225 20.29 6.99 -7.07
N THR A 226 21.17 7.97 -6.90
CA THR A 226 20.78 9.37 -6.71
C THR A 226 22.02 10.23 -6.95
N GLY A 227 21.82 11.54 -6.86
CA GLY A 227 22.90 12.53 -6.95
C GLY A 227 23.42 12.93 -5.58
N SER A 228 24.70 13.30 -5.50
CA SER A 228 25.32 13.69 -4.20
C SER A 228 24.70 15.04 -3.75
N GLU A 229 24.04 15.76 -4.65
CA GLU A 229 23.42 17.07 -4.34
C GLU A 229 21.90 16.96 -4.51
N ASP A 230 21.39 15.74 -4.55
CA ASP A 230 19.95 15.45 -4.62
C ASP A 230 19.43 15.23 -3.18
N ILE A 231 18.39 15.94 -2.76
CA ILE A 231 17.88 15.84 -1.33
C ILE A 231 17.46 14.41 -1.00
N ALA A 232 17.06 13.61 -1.98
CA ALA A 232 16.73 12.18 -1.83
C ALA A 232 17.85 11.47 -1.07
N TYR A 233 19.11 11.87 -1.24
CA TYR A 233 20.26 11.18 -0.62
C TYR A 233 20.09 11.13 0.90
N ALA A 234 19.54 12.19 1.51
CA ALA A 234 19.44 12.24 3.01
C ALA A 234 18.72 11.01 3.56
N ASN A 235 17.61 10.58 2.95
CA ASN A 235 16.83 9.42 3.47
C ASN A 235 17.24 8.13 2.79
N MSE A 236 17.69 8.16 1.51
CA MSE A 236 18.16 6.94 0.88
C MSE A 236 19.41 6.38 1.56
O MSE A 236 19.49 5.16 1.80
CB MSE A 236 18.44 7.06 -0.64
CG MSE A 236 17.25 7.40 -1.42
SE MSE A 236 17.84 7.26 -3.31
CE MSE A 236 17.71 5.41 -3.72
N ASN A 237 20.41 7.23 1.86
CA ASN A 237 21.70 6.69 2.23
C ASN A 237 21.58 5.84 3.51
N PRO A 238 20.89 6.32 4.56
CA PRO A 238 20.67 5.53 5.76
C PRO A 238 19.94 4.21 5.44
N GLN A 239 18.96 4.25 4.53
CA GLN A 239 18.19 3.01 4.17
C GLN A 239 19.16 2.03 3.50
N ILE A 240 19.95 2.52 2.54
CA ILE A 240 20.96 1.68 1.85
C ILE A 240 21.91 1.04 2.89
N GLU A 241 22.47 1.84 3.81
CA GLU A 241 23.42 1.33 4.85
C GLU A 241 22.73 0.22 5.64
N ALA A 242 21.50 0.41 6.09
CA ALA A 242 20.74 -0.62 6.84
C ALA A 242 20.53 -1.88 5.98
N MSE A 243 20.23 -1.71 4.69
CA MSE A 243 20.01 -2.88 3.85
C MSE A 243 21.31 -3.66 3.65
O MSE A 243 21.25 -4.89 3.52
CB MSE A 243 19.44 -2.48 2.48
CG MSE A 243 18.12 -1.79 2.56
SE MSE A 243 17.52 -0.98 0.86
CE MSE A 243 17.50 -2.54 -0.33
N LYS A 244 22.45 -2.96 3.53
CA LYS A 244 23.75 -3.57 3.33
C LYS A 244 24.04 -4.54 4.49
N ALA A 245 23.55 -4.22 5.68
CA ALA A 245 23.76 -5.03 6.91
C ALA A 245 22.95 -6.32 6.83
N LEU A 246 21.90 -6.40 6.02
CA LEU A 246 21.05 -7.61 5.92
C LEU A 246 21.82 -8.73 5.20
N PRO A 247 21.57 -10.02 5.55
CA PRO A 247 22.12 -11.14 4.78
C PRO A 247 21.49 -11.30 3.39
N HIS A 248 20.32 -10.69 3.18
CA HIS A 248 19.53 -10.72 1.93
C HIS A 248 20.23 -10.03 0.75
N PHE A 249 21.19 -9.15 1.01
CA PHE A 249 21.88 -8.33 0.01
C PHE A 249 23.38 -8.55 0.05
N ASP A 250 23.95 -8.79 -1.12
CA ASP A 250 25.41 -8.85 -1.33
C ASP A 250 25.74 -7.61 -2.17
N TYR A 251 26.44 -6.67 -1.56
CA TYR A 251 26.73 -5.36 -2.17
C TYR A 251 27.83 -5.44 -3.22
N THR A 252 27.50 -5.03 -4.45
CA THR A 252 28.36 -5.03 -5.64
C THR A 252 27.42 -4.78 -6.84
N SER A 253 27.90 -4.05 -7.83
CA SER A 253 27.20 -3.83 -9.13
C SER A 253 27.43 -5.05 -10.03
N ASP A 254 28.33 -5.98 -9.65
CA ASP A 254 28.56 -7.21 -10.41
C ASP A 254 27.44 -8.20 -10.05
N PHE A 255 26.37 -8.20 -10.83
CA PHE A 255 25.17 -9.02 -10.53
C PHE A 255 25.45 -10.49 -10.89
N SER A 256 26.60 -10.85 -11.45
CA SER A 256 27.03 -12.26 -11.59
C SER A 256 27.48 -12.74 -10.22
N LYS A 257 27.67 -11.83 -9.25
CA LYS A 257 28.23 -12.18 -7.91
C LYS A 257 27.31 -11.74 -6.77
N GLY A 258 26.65 -10.59 -6.87
CA GLY A 258 25.73 -10.12 -5.83
C GLY A 258 24.55 -9.44 -6.44
N ASN A 259 23.92 -8.54 -5.69
CA ASN A 259 22.53 -8.18 -6.07
C ASN A 259 22.13 -6.81 -5.56
N PHE A 260 23.08 -5.96 -5.20
CA PHE A 260 22.74 -4.69 -4.52
C PHE A 260 23.82 -3.65 -4.76
N TYR A 261 23.40 -2.48 -5.22
CA TYR A 261 24.33 -1.35 -5.48
C TYR A 261 23.61 -0.02 -5.32
N PHE A 262 24.39 1.02 -4.97
CA PHE A 262 23.89 2.38 -4.78
C PHE A 262 24.85 3.34 -5.46
N LEU A 263 24.50 3.82 -6.65
CA LEU A 263 25.34 4.76 -7.40
C LEU A 263 25.00 6.16 -6.92
N VAL A 264 26.01 6.95 -6.54
CA VAL A 264 25.78 8.36 -6.13
C VAL A 264 26.58 9.25 -7.10
N ALA A 265 25.90 10.01 -7.94
CA ALA A 265 26.53 10.79 -9.00
C ALA A 265 27.10 12.06 -8.39
N PRO A 266 28.44 12.29 -8.44
CA PRO A 266 29.02 13.51 -7.87
C PRO A 266 28.40 14.77 -8.46
N GLY A 267 27.87 15.66 -7.62
CA GLY A 267 27.43 16.99 -8.06
C GLY A 267 26.02 17.00 -8.63
N ALA A 268 25.38 15.84 -8.83
CA ALA A 268 24.07 15.75 -9.50
C ALA A 268 22.96 16.22 -8.57
N THR A 269 22.09 17.01 -9.12
CA THR A 269 20.92 17.57 -8.44
C THR A 269 19.67 16.78 -8.82
N HIS A 270 18.56 17.16 -8.18
CA HIS A 270 17.23 16.52 -8.27
C HIS A 270 16.57 16.97 -9.56
N TRP A 271 17.00 16.38 -10.68
CA TRP A 271 16.59 16.84 -12.03
C TRP A 271 16.80 15.69 -13.03
N TRP A 272 15.79 15.43 -13.84
CA TRP A 272 15.84 14.42 -14.93
C TRP A 272 17.06 14.62 -15.81
N GLY A 273 17.59 15.85 -15.95
CA GLY A 273 18.79 16.06 -16.76
C GLY A 273 19.92 15.15 -16.32
N TYR A 274 20.02 14.91 -15.03
CA TYR A 274 21.01 13.98 -14.43
C TYR A 274 20.42 12.58 -14.35
N VAL A 275 19.17 12.46 -13.93
CA VAL A 275 18.60 11.12 -13.62
C VAL A 275 18.56 10.24 -14.88
N ARG A 276 18.31 10.80 -16.07
CA ARG A 276 18.34 9.96 -17.30
C ARG A 276 19.67 9.23 -17.42
N HIS A 277 20.77 9.82 -16.95
CA HIS A 277 22.12 9.22 -17.06
C HIS A 277 22.25 8.05 -16.08
N TYR A 278 21.52 8.11 -14.96
CA TYR A 278 21.50 6.97 -14.02
C TYR A 278 20.88 5.75 -14.72
N ILE A 279 19.87 5.94 -15.56
CA ILE A 279 19.19 4.83 -16.30
C ILE A 279 20.18 4.34 -17.39
N TYR A 280 20.89 5.25 -18.05
CA TYR A 280 21.96 4.88 -19.00
C TYR A 280 23.01 3.98 -18.30
N ASP A 281 23.42 4.35 -17.09
CA ASP A 281 24.48 3.63 -16.33
C ASP A 281 23.92 2.26 -15.90
N ALA A 282 22.71 2.26 -15.34
CA ALA A 282 22.14 1.11 -14.61
C ALA A 282 21.42 0.12 -15.51
N LEU A 283 20.63 0.57 -16.49
CA LEU A 283 19.78 -0.36 -17.22
C LEU A 283 20.62 -1.41 -17.95
N PRO A 284 21.83 -1.13 -18.52
CA PRO A 284 22.64 -2.20 -19.10
C PRO A 284 23.04 -3.32 -18.12
N TYR A 285 22.90 -3.12 -16.81
CA TYR A 285 23.23 -4.13 -15.76
C TYR A 285 22.09 -5.15 -15.62
N PHE A 286 20.92 -4.86 -16.18
CA PHE A 286 19.71 -5.66 -15.92
C PHE A 286 19.57 -6.81 -16.92
N PHE A 287 18.91 -7.86 -16.44
CA PHE A 287 18.29 -8.96 -17.23
C PHE A 287 19.32 -9.94 -17.79
N HIS A 288 20.51 -10.05 -17.21
CA HIS A 288 21.52 -11.01 -17.68
C HIS A 288 21.50 -12.29 -16.83
N GLU A 289 21.03 -12.26 -15.60
CA GLU A 289 21.09 -13.47 -14.75
C GLU A 289 19.98 -14.44 -15.21
N LEU A 290 20.41 -15.65 -15.58
CA LEU A 290 19.54 -16.75 -16.11
C LEU A 290 18.90 -16.27 -17.42
N GLU A 291 19.58 -15.39 -18.16
CA GLU A 291 19.06 -14.92 -19.46
C GLU A 291 19.12 -16.10 -20.44
N HIS A 292 18.33 -16.01 -21.51
CA HIS A 292 18.06 -17.11 -22.46
C HIS A 292 18.96 -16.86 -23.67
N HIS A 293 20.00 -16.04 -23.54
CA HIS A 293 21.04 -15.88 -24.59
C HIS A 293 22.36 -16.38 -24.03
N HIS A 294 23.25 -16.79 -24.90
CA HIS A 294 24.62 -17.20 -24.49
C HIS A 294 25.53 -15.97 -24.58
N HIS A 295 25.63 -15.24 -23.47
CA HIS A 295 26.44 -13.99 -23.38
C HIS A 295 27.56 -14.17 -22.36
N HIS A 296 28.68 -13.49 -22.54
CA HIS A 296 29.79 -13.51 -21.54
C HIS A 296 29.90 -12.09 -20.97
N HIS A 297 29.46 -11.85 -19.75
CA HIS A 297 29.45 -10.51 -19.14
C HIS A 297 30.43 -10.44 -17.97
N PHE B 16 -27.99 6.50 24.53
CA PHE B 16 -26.62 7.07 24.21
C PHE B 16 -26.67 8.58 24.02
N LYS B 17 -25.71 9.26 24.65
CA LYS B 17 -25.49 10.71 24.44
C LYS B 17 -24.01 10.97 24.22
N TYR B 18 -23.67 11.66 23.17
CA TYR B 18 -22.26 12.06 22.95
C TYR B 18 -21.76 12.85 24.17
N GLU B 19 -20.55 12.57 24.62
CA GLU B 19 -19.71 13.46 25.47
C GLU B 19 -18.63 14.07 24.58
N SER B 20 -18.12 15.24 24.96
CA SER B 20 -17.05 15.94 24.20
C SER B 20 -15.66 15.38 24.51
N ALA B 21 -15.43 14.84 25.69
CA ALA B 21 -14.13 14.24 26.07
C ALA B 21 -14.38 12.93 26.82
N VAL B 22 -14.93 11.91 26.12
CA VAL B 22 -15.24 10.61 26.75
C VAL B 22 -13.97 10.05 27.42
N GLN B 23 -14.10 9.52 28.62
CA GLN B 23 -12.96 8.93 29.38
C GLN B 23 -12.97 7.42 29.22
N TYR B 24 -11.82 6.79 29.37
CA TYR B 24 -11.70 5.34 29.41
C TYR B 24 -12.56 4.77 30.54
N ARG B 25 -13.26 3.68 30.25
CA ARG B 25 -14.07 3.00 31.27
C ARG B 25 -14.21 1.56 30.79
N PRO B 26 -13.66 0.57 31.52
CA PRO B 26 -13.81 -0.82 31.11
C PRO B 26 -15.29 -1.22 31.24
N ALA B 27 -15.71 -2.14 30.36
CA ALA B 27 -16.97 -2.90 30.52
C ALA B 27 -16.97 -3.52 31.92
N PRO B 28 -18.14 -3.65 32.58
CA PRO B 28 -18.20 -4.37 33.85
C PRO B 28 -17.67 -5.79 33.64
N ASP B 29 -17.11 -6.43 34.69
CA ASP B 29 -16.54 -7.80 34.62
C ASP B 29 -17.57 -8.78 34.07
N SER B 30 -18.85 -8.55 34.38
CA SER B 30 -19.96 -9.45 33.99
C SER B 30 -20.09 -9.45 32.44
N TYR B 31 -19.57 -8.42 31.77
CA TYR B 31 -19.68 -8.31 30.27
C TYR B 31 -18.76 -9.34 29.61
N LEU B 32 -17.83 -9.90 30.36
CA LEU B 32 -16.82 -10.82 29.79
C LEU B 32 -17.35 -12.23 29.80
N ASN B 33 -18.48 -12.46 30.48
CA ASN B 33 -19.14 -13.78 30.49
C ASN B 33 -20.16 -13.82 29.36
N PRO B 34 -20.51 -15.02 28.86
CA PRO B 34 -21.57 -15.13 27.86
C PRO B 34 -22.88 -14.47 28.31
N CYS B 35 -23.49 -13.80 27.35
CA CYS B 35 -24.80 -13.16 27.46
C CYS B 35 -25.77 -14.11 26.78
N PRO B 36 -26.97 -14.32 27.35
CA PRO B 36 -27.95 -15.20 26.74
C PRO B 36 -28.47 -14.59 25.42
N GLN B 37 -28.42 -13.27 25.25
CA GLN B 37 -28.88 -12.61 23.99
C GLN B 37 -27.69 -12.55 23.02
N ALA B 38 -27.22 -13.72 22.59
CA ALA B 38 -25.95 -13.92 21.87
C ALA B 38 -26.17 -13.71 20.37
N GLY B 39 -25.37 -12.82 19.79
CA GLY B 39 -25.25 -12.67 18.33
C GLY B 39 -24.70 -13.95 17.73
N ARG B 40 -25.17 -14.31 16.55
CA ARG B 40 -24.63 -15.48 15.81
C ARG B 40 -23.28 -15.10 15.18
N ILE B 41 -22.28 -15.95 15.29
CA ILE B 41 -20.96 -15.71 14.64
C ILE B 41 -20.83 -16.75 13.53
N VAL B 42 -20.74 -16.32 12.28
CA VAL B 42 -20.66 -17.22 11.12
C VAL B 42 -19.23 -17.16 10.58
N LYS B 43 -18.61 -18.32 10.44
CA LYS B 43 -17.29 -18.49 9.78
C LYS B 43 -17.57 -18.52 8.28
N GLU B 44 -16.91 -17.70 7.50
CA GLU B 44 -17.09 -17.63 6.04
C GLU B 44 -15.72 -17.83 5.39
N THR B 45 -15.73 -18.44 4.20
CA THR B 45 -14.53 -18.68 3.38
C THR B 45 -14.77 -18.11 2.00
N TYR B 46 -13.85 -17.29 1.48
CA TYR B 46 -14.02 -16.63 0.16
C TYR B 46 -12.69 -16.74 -0.58
N THR B 47 -12.68 -16.49 -1.88
CA THR B 47 -11.40 -16.43 -2.66
C THR B 47 -11.30 -15.04 -3.24
N GLY B 48 -10.19 -14.37 -3.00
CA GLY B 48 -9.93 -13.04 -3.52
C GLY B 48 -8.54 -12.99 -4.09
N ILE B 49 -7.99 -11.79 -4.16
CA ILE B 49 -6.68 -11.50 -4.79
C ILE B 49 -5.56 -12.15 -3.97
N ASN B 50 -5.80 -12.54 -2.72
CA ASN B 50 -4.77 -13.18 -1.87
C ASN B 50 -5.11 -14.65 -1.66
N GLY B 51 -5.91 -15.23 -2.55
CA GLY B 51 -6.30 -16.63 -2.47
C GLY B 51 -7.44 -16.87 -1.49
N THR B 52 -7.64 -18.13 -1.14
CA THR B 52 -8.77 -18.61 -0.31
C THR B 52 -8.49 -18.22 1.13
N LYS B 53 -9.37 -17.45 1.75
CA LYS B 53 -9.16 -17.02 3.15
C LYS B 53 -10.51 -17.02 3.88
N SER B 54 -10.46 -16.89 5.20
CA SER B 54 -11.65 -16.91 6.05
C SER B 54 -11.77 -15.61 6.86
N LEU B 55 -12.98 -15.41 7.35
CA LEU B 55 -13.34 -14.31 8.27
C LEU B 55 -14.54 -14.73 9.08
N ASN B 56 -14.84 -14.01 10.17
CA ASN B 56 -16.02 -14.30 11.01
C ASN B 56 -16.93 -13.11 10.91
N VAL B 57 -18.22 -13.40 10.84
CA VAL B 57 -19.26 -12.34 10.81
C VAL B 57 -20.08 -12.47 12.08
N TYR B 58 -20.05 -11.43 12.90
CA TYR B 58 -20.93 -11.31 14.09
C TYR B 58 -22.21 -10.63 13.61
N LEU B 59 -23.33 -11.30 13.81
CA LEU B 59 -24.69 -10.75 13.56
C LEU B 59 -25.31 -10.47 14.92
N PRO B 60 -25.96 -9.32 15.09
CA PRO B 60 -26.51 -8.96 16.40
C PRO B 60 -27.71 -9.87 16.69
N TYR B 61 -27.94 -10.13 17.97
CA TYR B 61 -29.12 -10.87 18.43
C TYR B 61 -30.34 -10.19 17.83
N GLY B 62 -31.29 -10.98 17.30
CA GLY B 62 -32.46 -10.39 16.65
C GLY B 62 -32.18 -9.97 15.23
N TYR B 63 -31.00 -10.28 14.68
CA TYR B 63 -30.65 -9.96 13.27
C TYR B 63 -31.83 -10.30 12.38
N ASP B 64 -32.29 -9.32 11.64
CA ASP B 64 -33.45 -9.42 10.71
C ASP B 64 -32.97 -8.99 9.32
N PRO B 65 -32.90 -9.95 8.37
CA PRO B 65 -32.41 -9.66 7.03
C PRO B 65 -33.20 -8.58 6.28
N ASN B 66 -34.37 -8.17 6.78
CA ASN B 66 -35.19 -7.11 6.15
C ASN B 66 -34.72 -5.74 6.65
N LYS B 67 -33.91 -5.72 7.70
CA LYS B 67 -33.39 -4.43 8.24
C LYS B 67 -31.99 -4.21 7.70
N LYS B 68 -31.56 -2.97 7.75
CA LYS B 68 -30.21 -2.56 7.33
C LYS B 68 -29.37 -2.31 8.59
N TYR B 69 -28.14 -2.80 8.61
CA TYR B 69 -27.25 -2.71 9.79
C TYR B 69 -25.95 -2.02 9.41
N ASN B 70 -25.53 -1.09 10.28
CA ASN B 70 -24.15 -0.54 10.31
C ASN B 70 -23.18 -1.72 10.27
N ILE B 71 -22.02 -1.56 9.65
CA ILE B 71 -21.04 -2.68 9.63
C ILE B 71 -19.66 -2.15 10.02
N PHE B 72 -18.99 -2.87 10.92
CA PHE B 72 -17.66 -2.50 11.45
C PHE B 72 -16.73 -3.67 11.25
N TYR B 73 -15.71 -3.42 10.44
CA TYR B 73 -14.64 -4.39 10.14
C TYR B 73 -13.50 -4.16 11.09
N LEU B 74 -13.03 -5.23 11.76
CA LEU B 74 -12.10 -5.14 12.91
C LEU B 74 -10.94 -6.11 12.74
N MSE B 75 -9.72 -5.55 12.70
CA MSE B 75 -8.52 -6.29 12.35
C MSE B 75 -7.71 -6.64 13.61
O MSE B 75 -7.43 -5.81 14.47
CB MSE B 75 -7.62 -5.52 11.36
CG MSE B 75 -6.48 -6.31 10.75
SE MSE B 75 -7.00 -8.02 9.96
CE MSE B 75 -7.47 -7.44 8.22
N HIS B 76 -7.28 -7.90 13.64
CA HIS B 76 -6.40 -8.44 14.63
C HIS B 76 -4.98 -7.87 14.54
N GLY B 77 -4.13 -8.25 15.48
CA GLY B 77 -2.74 -7.77 15.54
C GLY B 77 -1.78 -8.82 15.02
N GLY B 78 -0.50 -8.50 15.10
CA GLY B 78 0.60 -9.41 14.74
C GLY B 78 0.51 -10.74 15.45
N GLY B 79 0.74 -11.79 14.70
CA GLY B 79 0.70 -13.19 15.13
C GLY B 79 -0.70 -13.70 15.38
N GLU B 80 -1.74 -12.91 15.09
CA GLU B 80 -3.12 -13.35 15.34
C GLU B 80 -3.78 -13.72 14.02
N ASN B 81 -5.09 -13.98 14.03
CA ASN B 81 -5.83 -14.42 12.83
C ASN B 81 -7.31 -14.05 12.98
N GLU B 82 -8.10 -14.39 11.97
CA GLU B 82 -9.55 -14.03 11.87
C GLU B 82 -10.37 -14.57 13.06
N ASN B 83 -9.83 -15.52 13.85
CA ASN B 83 -10.58 -16.20 14.94
C ASN B 83 -10.19 -15.58 16.27
N THR B 84 -9.15 -14.73 16.34
CA THR B 84 -8.57 -14.32 17.64
C THR B 84 -9.59 -13.51 18.45
N ILE B 85 -10.24 -12.56 17.80
CA ILE B 85 -11.02 -11.52 18.52
C ILE B 85 -12.27 -12.15 19.16
N PHE B 86 -12.80 -13.21 18.56
CA PHE B 86 -13.98 -13.95 19.09
C PHE B 86 -13.54 -15.24 19.84
N SER B 87 -12.24 -15.42 20.07
CA SER B 87 -11.68 -16.55 20.83
C SER B 87 -11.75 -16.27 22.32
N ASN B 88 -11.39 -17.26 23.12
CA ASN B 88 -11.35 -17.15 24.61
C ASN B 88 -10.27 -16.16 25.03
N ASP B 89 -9.36 -15.81 24.15
CA ASP B 89 -8.28 -14.86 24.52
C ASP B 89 -8.79 -13.43 24.48
N VAL B 90 -9.97 -13.14 23.90
CA VAL B 90 -10.45 -11.74 23.78
C VAL B 90 -11.93 -11.65 24.21
N LYS B 91 -12.80 -12.51 23.64
CA LYS B 91 -14.23 -12.61 24.02
C LYS B 91 -14.98 -11.31 23.67
N LEU B 92 -14.61 -10.64 22.58
CA LEU B 92 -15.26 -9.37 22.21
C LEU B 92 -16.76 -9.60 22.06
N GLN B 93 -17.19 -10.77 21.58
CA GLN B 93 -18.65 -11.05 21.31
C GLN B 93 -19.40 -10.92 22.61
N ASN B 94 -18.79 -11.24 23.74
CA ASN B 94 -19.57 -11.14 25.01
C ASN B 94 -19.85 -9.67 25.34
N ILE B 95 -18.87 -8.81 25.11
CA ILE B 95 -19.02 -7.35 25.30
C ILE B 95 -20.06 -6.79 24.33
N LEU B 96 -19.98 -7.15 23.07
CA LEU B 96 -20.97 -6.70 22.07
C LEU B 96 -22.37 -7.15 22.51
N ASP B 97 -22.49 -8.42 22.88
CA ASP B 97 -23.83 -8.98 23.24
C ASP B 97 -24.39 -8.20 24.43
N HIS B 98 -23.62 -8.03 25.51
CA HIS B 98 -24.17 -7.38 26.73
C HIS B 98 -24.50 -5.93 26.36
N ALA B 99 -23.64 -5.24 25.59
CA ALA B 99 -23.76 -3.81 25.28
C ALA B 99 -25.02 -3.63 24.45
N ILE B 100 -25.24 -4.48 23.46
CA ILE B 100 -26.44 -4.39 22.58
C ILE B 100 -27.69 -4.67 23.42
N MSE B 101 -27.65 -5.71 24.25
CA MSE B 101 -28.80 -6.06 25.07
C MSE B 101 -29.15 -4.92 26.04
O MSE B 101 -30.35 -4.64 26.21
CB MSE B 101 -28.52 -7.33 25.87
CG MSE B 101 -29.62 -7.68 26.94
SE MSE B 101 -29.34 -9.41 27.72
CE MSE B 101 -30.53 -9.01 29.29
N ASN B 102 -28.16 -4.23 26.63
CA ASN B 102 -28.40 -3.19 27.63
CA ASN B 102 -28.46 -3.22 27.63
C ASN B 102 -28.74 -1.87 26.94
N GLY B 103 -28.73 -1.81 25.60
CA GLY B 103 -29.04 -0.58 24.84
C GLY B 103 -27.89 0.44 24.84
N GLU B 104 -26.66 0.07 25.20
CA GLU B 104 -25.49 0.98 25.14
C GLU B 104 -24.97 1.14 23.71
N LEU B 105 -25.26 0.18 22.88
CA LEU B 105 -24.69 0.02 21.52
C LEU B 105 -25.82 -0.42 20.63
N GLU B 106 -26.05 0.32 19.55
CA GLU B 106 -27.08 -0.03 18.55
C GLU B 106 -26.64 -1.31 17.82
N PRO B 107 -27.58 -2.22 17.49
CA PRO B 107 -27.18 -3.49 16.86
C PRO B 107 -26.44 -3.21 15.56
N LEU B 108 -25.36 -3.94 15.36
CA LEU B 108 -24.55 -3.85 14.12
C LEU B 108 -23.88 -5.19 13.83
N ILE B 109 -23.40 -5.29 12.60
CA ILE B 109 -22.58 -6.43 12.13
C ILE B 109 -21.11 -6.08 12.38
N VAL B 110 -20.37 -7.02 12.96
CA VAL B 110 -18.91 -6.89 13.21
C VAL B 110 -18.22 -8.02 12.48
N VAL B 111 -17.28 -7.64 11.61
CA VAL B 111 -16.55 -8.60 10.78
C VAL B 111 -15.11 -8.65 11.28
N THR B 112 -14.60 -9.85 11.46
CA THR B 112 -13.18 -10.04 11.83
C THR B 112 -12.50 -10.80 10.68
N PRO B 113 -11.81 -10.08 9.77
CA PRO B 113 -11.05 -10.74 8.72
C PRO B 113 -9.60 -10.95 9.17
N THR B 114 -8.73 -11.28 8.22
CA THR B 114 -7.28 -11.48 8.49
C THR B 114 -6.45 -10.83 7.38
N PHE B 115 -5.30 -10.27 7.75
CA PHE B 115 -4.26 -9.84 6.78
C PHE B 115 -3.28 -10.98 6.46
N ASN B 116 -3.48 -12.17 7.04
CA ASN B 116 -2.67 -13.40 6.73
C ASN B 116 -3.02 -13.94 5.33
N GLY B 117 -2.06 -14.60 4.67
CA GLY B 117 -2.35 -15.44 3.50
C GLY B 117 -1.93 -14.77 2.20
N GLY B 118 -1.45 -15.58 1.27
CA GLY B 118 -1.05 -15.15 -0.08
C GLY B 118 -0.08 -13.98 0.00
N ASN B 119 -0.35 -12.91 -0.74
CA ASN B 119 0.54 -11.72 -0.84
C ASN B 119 0.05 -10.67 0.16
N CYS B 120 -0.85 -11.08 1.08
CA CYS B 120 -1.54 -10.12 1.98
C CYS B 120 -0.59 -9.74 3.13
N THR B 121 -0.54 -8.45 3.49
CA THR B 121 0.18 -7.96 4.70
C THR B 121 -0.74 -6.98 5.40
N ALA B 122 -0.45 -6.63 6.65
CA ALA B 122 -1.22 -5.61 7.38
C ALA B 122 -1.30 -4.33 6.55
N GLN B 123 -0.22 -3.90 5.87
CA GLN B 123 -0.16 -2.63 5.09
C GLN B 123 -1.04 -2.78 3.84
N ASN B 124 -1.03 -3.92 3.13
CA ASN B 124 -1.67 -3.92 1.78
C ASN B 124 -3.09 -4.49 1.81
N PHE B 125 -3.61 -4.80 2.99
CA PHE B 125 -4.92 -5.52 3.14
C PHE B 125 -6.06 -4.72 2.46
N TYR B 126 -5.98 -3.39 2.50
CA TYR B 126 -7.03 -2.47 2.00
C TYR B 126 -7.43 -2.82 0.56
N GLN B 127 -6.55 -3.44 -0.22
CA GLN B 127 -6.93 -3.74 -1.63
C GLN B 127 -7.89 -4.95 -1.68
N GLU B 128 -7.58 -5.99 -0.94
CA GLU B 128 -8.43 -7.21 -0.77
C GLU B 128 -9.74 -6.77 -0.10
N PHE B 129 -9.64 -5.85 0.84
CA PHE B 129 -10.81 -5.29 1.58
C PHE B 129 -11.85 -4.70 0.59
N ARG B 130 -11.34 -3.81 -0.25
CA ARG B 130 -12.11 -3.06 -1.28
C ARG B 130 -12.72 -4.04 -2.30
N GLN B 131 -11.91 -4.95 -2.83
CA GLN B 131 -12.26 -5.75 -4.01
C GLN B 131 -12.99 -7.03 -3.64
N ASN B 132 -12.62 -7.67 -2.53
CA ASN B 132 -13.13 -9.01 -2.17
C ASN B 132 -14.03 -8.94 -0.94
N VAL B 133 -13.52 -8.39 0.15
CA VAL B 133 -14.15 -8.61 1.47
C VAL B 133 -15.49 -7.89 1.50
N ILE B 134 -15.54 -6.61 1.17
CA ILE B 134 -16.82 -5.86 1.17
C ILE B 134 -17.85 -6.56 0.30
N PRO B 135 -17.64 -6.77 -1.02
CA PRO B 135 -18.68 -7.36 -1.85
C PRO B 135 -19.09 -8.74 -1.34
N PHE B 136 -18.13 -9.55 -0.85
CA PHE B 136 -18.45 -10.92 -0.36
C PHE B 136 -19.38 -10.84 0.86
N VAL B 137 -19.01 -10.04 1.88
CA VAL B 137 -19.80 -9.95 3.15
C VAL B 137 -21.18 -9.32 2.91
N GLU B 138 -21.22 -8.21 2.22
CA GLU B 138 -22.40 -7.33 2.12
C GLU B 138 -23.33 -7.80 0.99
N SER B 139 -22.89 -8.74 0.16
CA SER B 139 -23.77 -9.56 -0.73
C SER B 139 -24.64 -10.49 0.11
N LYS B 140 -24.13 -10.98 1.25
CA LYS B 140 -24.81 -12.07 1.98
C LYS B 140 -25.56 -11.48 3.18
N TYR B 141 -25.04 -10.42 3.81
CA TYR B 141 -25.57 -9.87 5.09
C TYR B 141 -26.03 -8.45 4.82
N SER B 142 -27.08 -8.04 5.56
CA SER B 142 -27.90 -6.84 5.26
C SER B 142 -27.29 -5.54 5.83
N THR B 143 -26.51 -4.85 5.02
CA THR B 143 -25.92 -3.54 5.38
C THR B 143 -26.72 -2.45 4.67
N TYR B 144 -26.26 -1.20 4.70
CA TYR B 144 -26.94 -0.10 3.99
C TYR B 144 -26.55 -0.13 2.52
N ALA B 145 -25.59 -0.95 2.10
CA ALA B 145 -25.31 -1.16 0.67
C ALA B 145 -26.54 -1.73 -0.06
N GLU B 146 -27.06 -0.99 -1.04
CA GLU B 146 -28.24 -1.41 -1.83
C GLU B 146 -27.77 -2.44 -2.87
N SER B 147 -26.51 -2.29 -3.30
CA SER B 147 -25.76 -3.21 -4.17
C SER B 147 -24.30 -3.19 -3.70
N THR B 148 -23.49 -4.15 -4.15
CA THR B 148 -22.07 -4.20 -3.80
C THR B 148 -21.21 -3.84 -5.02
N THR B 149 -21.75 -3.08 -5.94
CA THR B 149 -20.96 -2.36 -6.95
C THR B 149 -20.20 -1.27 -6.19
N PRO B 150 -19.09 -0.76 -6.77
CA PRO B 150 -18.39 0.40 -6.22
C PRO B 150 -19.33 1.57 -5.90
N GLN B 151 -20.28 1.86 -6.78
CA GLN B 151 -21.29 2.94 -6.54
C GLN B 151 -22.12 2.61 -5.29
N GLY B 152 -22.58 1.38 -5.17
CA GLY B 152 -23.42 0.96 -4.03
C GLY B 152 -22.64 0.97 -2.71
N ILE B 153 -21.38 0.58 -2.74
CA ILE B 153 -20.50 0.62 -1.53
C ILE B 153 -20.26 2.11 -1.15
N ALA B 154 -19.88 2.94 -2.11
CA ALA B 154 -19.63 4.38 -1.87
C ALA B 154 -20.88 5.06 -1.31
N ALA B 155 -22.07 4.72 -1.80
CA ALA B 155 -23.35 5.34 -1.39
C ALA B 155 -23.74 4.93 0.03
N SER B 156 -23.08 3.93 0.61
CA SER B 156 -23.39 3.47 1.98
C SER B 156 -22.21 3.70 2.95
N ARG B 157 -21.22 4.53 2.57
CA ARG B 157 -19.95 4.77 3.31
C ARG B 157 -20.20 5.25 4.73
N MSE B 158 -21.27 6.05 4.94
CA MSE B 158 -21.58 6.56 6.27
C MSE B 158 -22.00 5.47 7.24
O MSE B 158 -22.13 5.77 8.45
CB MSE B 158 -22.67 7.64 6.19
CG MSE B 158 -22.26 8.91 5.49
SE MSE B 158 -20.82 9.92 6.35
CE MSE B 158 -21.71 10.67 7.91
N HIS B 159 -22.20 4.23 6.76
CA HIS B 159 -22.72 3.16 7.60
C HIS B 159 -21.67 2.04 7.71
N ARG B 160 -20.45 2.40 7.35
CA ARG B 160 -19.34 1.44 7.29
C ARG B 160 -18.14 2.01 8.05
N GLY B 161 -17.50 1.13 8.81
CA GLY B 161 -16.39 1.48 9.70
C GLY B 161 -15.29 0.44 9.65
N PHE B 162 -14.09 0.89 9.97
CA PHE B 162 -12.89 0.00 10.07
C PHE B 162 -12.09 0.36 11.30
N GLY B 163 -11.62 -0.67 11.97
CA GLY B 163 -10.72 -0.54 13.10
C GLY B 163 -9.79 -1.72 13.21
N GLY B 164 -8.93 -1.65 14.20
CA GLY B 164 -7.96 -2.75 14.37
C GLY B 164 -6.93 -2.44 15.42
N PHE B 165 -6.21 -3.49 15.86
CA PHE B 165 -5.25 -3.39 16.99
C PHE B 165 -3.85 -3.70 16.50
N SEP B 166 -2.95 -2.77 16.80
CA SEP B 166 -1.49 -2.93 16.63
CB SEP B 166 -1.02 -4.09 17.47
OG SEP B 166 0.42 -4.11 17.49
C SEP B 166 -1.20 -3.01 15.15
O SEP B 166 -1.48 -2.06 14.42
P SEP B 166 1.13 -5.52 17.23
O1P SEP B 166 0.50 -6.27 16.09
O2P SEP B 166 1.10 -6.32 18.50
O3P SEP B 166 2.51 -5.01 16.91
N MSE B 167 -0.76 -4.13 14.62
CA MSE B 167 -0.63 -4.19 13.17
CA MSE B 167 -0.64 -4.17 13.17
C MSE B 167 -1.99 -3.95 12.49
O MSE B 167 -2.04 -3.48 11.36
CB MSE B 167 -0.04 -5.53 12.76
CB MSE B 167 0.00 -5.48 12.70
CG MSE B 167 1.40 -5.70 13.22
CG MSE B 167 1.44 -5.33 12.21
SE MSE B 167 2.56 -4.61 12.08
SE MSE B 167 2.25 -7.07 11.90
CE MSE B 167 2.46 -5.47 10.39
CE MSE B 167 2.38 -7.67 10.06
N GLY B 168 -3.13 -4.36 13.15
CA GLY B 168 -4.48 -4.10 12.63
C GLY B 168 -4.85 -2.62 12.70
N GLY B 169 -4.22 -1.88 13.60
CA GLY B 169 -4.28 -0.41 13.71
C GLY B 169 -3.55 0.20 12.52
N LEU B 170 -2.39 -0.32 12.21
CA LEU B 170 -1.69 0.07 10.97
C LEU B 170 -2.57 -0.26 9.76
N THR B 171 -3.20 -1.44 9.74
CA THR B 171 -4.17 -1.75 8.65
C THR B 171 -5.15 -0.60 8.52
N THR B 172 -5.73 -0.16 9.62
CA THR B 172 -6.80 0.87 9.65
C THR B 172 -6.33 2.17 9.04
N TRP B 173 -5.12 2.60 9.36
CA TRP B 173 -4.57 3.85 8.78
C TRP B 173 -4.45 3.70 7.25
N TYR B 174 -3.96 2.56 6.76
CA TYR B 174 -3.89 2.32 5.29
C TYR B 174 -5.29 2.16 4.69
N VAL B 175 -6.26 1.54 5.39
CA VAL B 175 -7.68 1.56 4.92
C VAL B 175 -8.17 3.01 4.79
N MSE B 176 -7.85 3.86 5.76
CA MSE B 176 -8.33 5.23 5.71
C MSE B 176 -7.79 5.98 4.50
O MSE B 176 -8.55 6.59 3.74
CB MSE B 176 -8.00 6.00 6.98
CG MSE B 176 -8.41 7.45 6.91
SE MSE B 176 -7.98 8.37 8.59
CE MSE B 176 -9.12 9.88 8.20
N VAL B 177 -6.48 5.88 4.27
CA VAL B 177 -5.83 6.65 3.23
C VAL B 177 -6.24 6.15 1.85
N ASN B 178 -6.61 4.87 1.70
CA ASN B 178 -7.00 4.28 0.38
C ASN B 178 -8.52 4.05 0.21
N CYS B 179 -9.37 4.25 1.23
CA CYS B 179 -10.77 3.75 1.20
C CYS B 179 -11.75 4.79 1.79
N LEU B 180 -11.43 6.08 1.72
CA LEU B 180 -12.37 7.12 2.24
C LEU B 180 -13.66 7.06 1.45
N ASP B 181 -13.58 6.64 0.18
CA ASP B 181 -14.75 6.58 -0.70
C ASP B 181 -15.74 5.51 -0.19
N TYR B 182 -15.26 4.52 0.58
CA TYR B 182 -16.04 3.35 1.03
C TYR B 182 -16.36 3.38 2.53
N VAL B 183 -15.57 4.10 3.32
CA VAL B 183 -15.56 3.99 4.82
C VAL B 183 -15.54 5.40 5.44
N ALA B 184 -16.44 5.69 6.39
CA ALA B 184 -16.53 6.99 7.07
C ALA B 184 -15.93 6.96 8.50
N TYR B 185 -15.92 5.82 9.18
CA TYR B 185 -15.58 5.72 10.62
C TYR B 185 -14.34 4.84 10.79
N PHE B 186 -13.35 5.37 11.47
CA PHE B 186 -12.03 4.71 11.65
C PHE B 186 -11.68 4.62 13.13
N MSE B 187 -11.24 3.43 13.55
CA MSE B 187 -10.83 3.19 14.93
C MSE B 187 -9.46 2.52 15.02
O MSE B 187 -9.32 1.31 15.23
CB MSE B 187 -11.87 2.36 15.69
CG MSE B 187 -11.67 2.36 17.22
SE MSE B 187 -12.79 0.95 18.04
CE MSE B 187 -14.48 1.71 17.48
N PRO B 188 -8.37 3.28 14.78
CA PRO B 188 -7.03 2.71 14.92
C PRO B 188 -6.75 2.57 16.43
N LEU B 189 -6.38 1.37 16.89
CA LEU B 189 -6.03 1.06 18.31
C LEU B 189 -4.56 0.64 18.38
N SER B 190 -3.73 1.40 19.11
CA SER B 190 -2.30 1.06 19.39
C SER B 190 -1.56 0.72 18.10
N GLY B 191 -1.75 1.53 17.08
CA GLY B 191 -0.94 1.46 15.85
C GLY B 191 -0.73 2.83 15.26
N ASP B 192 0.42 3.09 14.69
CA ASP B 192 0.60 4.40 14.02
C ASP B 192 0.75 4.10 12.52
N TYR B 193 0.66 5.18 11.75
CA TYR B 193 0.68 5.16 10.28
C TYR B 193 2.15 5.23 9.85
N TRP B 194 2.64 4.21 9.15
CA TRP B 194 4.10 4.04 8.88
C TRP B 194 4.48 4.76 7.58
N TYR B 195 3.70 5.72 7.10
CA TYR B 195 3.88 6.40 5.79
C TYR B 195 4.37 7.84 6.04
N GLY B 196 5.65 7.95 6.29
CA GLY B 196 6.41 9.22 6.20
C GLY B 196 7.66 9.14 7.06
N ASN B 197 8.53 10.13 6.92
CA ASN B 197 9.80 10.28 7.68
C ASN B 197 9.60 11.24 8.87
N SER B 198 8.39 11.77 9.12
CA SER B 198 8.04 12.70 10.24
C SER B 198 6.56 12.59 10.63
N PRO B 199 6.12 13.05 11.82
CA PRO B 199 4.69 13.11 12.11
C PRO B 199 3.92 13.95 11.06
N GLN B 200 4.56 14.98 10.47
CA GLN B 200 3.89 15.93 9.55
C GLN B 200 3.71 15.23 8.22
N ASP B 201 4.70 14.42 7.80
CA ASP B 201 4.51 13.58 6.60
C ASP B 201 3.23 12.76 6.84
N LYS B 202 3.13 12.15 8.02
CA LYS B 202 1.97 11.27 8.31
C LYS B 202 0.68 12.08 8.22
N ALA B 203 0.56 13.16 8.98
CA ALA B 203 -0.63 14.06 8.98
C ALA B 203 -0.89 14.59 7.56
N ASN B 204 0.14 15.07 6.84
CA ASN B 204 -0.08 15.63 5.48
C ASN B 204 -0.57 14.54 4.54
N SER B 205 -0.06 13.31 4.66
CA SER B 205 -0.50 12.20 3.78
C SER B 205 -2.01 11.98 3.97
N ILE B 206 -2.48 12.00 5.22
CA ILE B 206 -3.93 11.74 5.53
C ILE B 206 -4.72 12.92 4.95
N ALA B 207 -4.22 14.15 5.18
CA ALA B 207 -4.87 15.39 4.68
C ALA B 207 -5.01 15.26 3.16
N GLU B 208 -3.97 14.78 2.46
CA GLU B 208 -3.99 14.74 0.98
C GLU B 208 -5.04 13.72 0.53
N ALA B 209 -5.16 12.59 1.25
CA ALA B 209 -6.19 11.56 0.92
C ALA B 209 -7.56 12.19 1.12
N ILE B 210 -7.69 13.01 2.15
CA ILE B 210 -9.00 13.68 2.44
C ILE B 210 -9.32 14.66 1.29
N ASN B 211 -8.34 15.48 0.88
CA ASN B 211 -8.45 16.45 -0.24
C ASN B 211 -8.91 15.72 -1.50
N ARG B 212 -8.27 14.59 -1.83
CA ARG B 212 -8.57 13.82 -3.05
C ARG B 212 -9.98 13.24 -2.96
N SER B 213 -10.46 12.83 -1.78
CA SER B 213 -11.80 12.23 -1.65
C SER B 213 -12.88 13.27 -1.98
N GLY B 214 -12.63 14.54 -1.73
CA GLY B 214 -13.62 15.64 -1.87
C GLY B 214 -14.59 15.71 -0.68
N LEU B 215 -14.41 14.89 0.35
CA LEU B 215 -15.38 14.78 1.48
C LEU B 215 -15.29 16.03 2.34
N SER B 216 -16.37 16.33 3.04
CA SER B 216 -16.41 17.43 4.00
C SER B 216 -15.95 16.84 5.32
N LYS B 217 -15.67 17.74 6.25
CA LYS B 217 -15.26 17.40 7.64
C LYS B 217 -16.36 16.62 8.35
N ARG B 218 -17.61 16.62 7.84
CA ARG B 218 -18.78 15.97 8.50
C ARG B 218 -18.92 14.54 7.98
N GLU B 219 -17.98 14.07 7.12
CA GLU B 219 -18.18 12.83 6.33
C GLU B 219 -17.07 11.79 6.65
N TYR B 220 -16.20 12.06 7.62
CA TYR B 220 -15.19 11.07 8.07
C TYR B 220 -14.91 11.34 9.54
N PHE B 221 -14.59 10.27 10.26
CA PHE B 221 -14.52 10.29 11.74
C PHE B 221 -13.41 9.35 12.18
N VAL B 222 -12.54 9.84 13.06
CA VAL B 222 -11.40 9.06 13.57
C VAL B 222 -11.46 9.04 15.10
N PHE B 223 -11.66 7.85 15.66
CA PHE B 223 -11.60 7.64 17.12
C PHE B 223 -10.41 6.74 17.36
N ALA B 224 -9.26 7.31 17.70
CA ALA B 224 -8.04 6.52 17.94
C ALA B 224 -7.98 6.22 19.44
N ALA B 225 -7.27 5.19 19.82
CA ALA B 225 -7.09 4.89 21.25
C ALA B 225 -5.83 4.10 21.44
N THR B 226 -5.34 4.18 22.68
CA THR B 226 -4.27 3.28 23.14
C THR B 226 -4.23 3.38 24.67
N GLY B 227 -3.28 2.67 25.25
CA GLY B 227 -3.02 2.67 26.70
C GLY B 227 -1.81 3.52 27.06
N SER B 228 -1.80 4.13 28.25
CA SER B 228 -0.69 4.98 28.69
C SER B 228 0.57 4.09 28.94
N GLU B 229 0.41 2.76 29.02
CA GLU B 229 1.50 1.78 29.22
C GLU B 229 1.69 0.94 27.98
N ASP B 230 1.12 1.38 26.85
CA ASP B 230 1.24 0.70 25.54
C ASP B 230 2.39 1.40 24.80
N ILE B 231 3.38 0.63 24.35
CA ILE B 231 4.52 1.17 23.56
C ILE B 231 3.99 1.96 22.34
N ALA B 232 2.84 1.61 21.75
CA ALA B 232 2.27 2.30 20.58
C ALA B 232 2.10 3.80 20.88
N TYR B 233 1.87 4.17 22.13
CA TYR B 233 1.62 5.58 22.51
C TYR B 233 2.77 6.47 22.02
N ALA B 234 4.01 5.97 22.05
CA ALA B 234 5.20 6.82 21.75
C ALA B 234 5.13 7.33 20.31
N ASN B 235 4.73 6.49 19.37
CA ASN B 235 4.61 6.92 17.95
C ASN B 235 3.24 7.50 17.65
N MSE B 236 2.16 7.06 18.33
CA MSE B 236 0.83 7.58 18.00
C MSE B 236 0.65 9.04 18.41
O MSE B 236 0.08 9.87 17.68
CB MSE B 236 -0.28 6.77 18.69
CG MSE B 236 -0.53 5.50 18.07
SE MSE B 236 -2.21 4.74 18.83
CE MSE B 236 -3.59 5.47 17.70
N ASN B 237 1.12 9.37 19.61
CA ASN B 237 0.79 10.66 20.17
C ASN B 237 1.31 11.79 19.27
N PRO B 238 2.54 11.73 18.73
CA PRO B 238 3.00 12.81 17.85
C PRO B 238 2.20 12.85 16.55
N GLN B 239 1.70 11.70 16.09
CA GLN B 239 0.88 11.65 14.85
C GLN B 239 -0.43 12.41 15.12
N ILE B 240 -1.05 12.13 16.27
CA ILE B 240 -2.36 12.70 16.69
C ILE B 240 -2.20 14.24 16.80
N GLU B 241 -1.13 14.69 17.45
CA GLU B 241 -0.81 16.14 17.66
C GLU B 241 -0.68 16.83 16.28
N ALA B 242 0.01 16.21 15.33
CA ALA B 242 0.13 16.72 13.95
C ALA B 242 -1.23 16.75 13.26
N MSE B 243 -2.05 15.68 13.42
CA MSE B 243 -3.37 15.70 12.83
C MSE B 243 -4.23 16.81 13.41
O MSE B 243 -5.03 17.39 12.69
CB MSE B 243 -4.04 14.33 13.02
CG MSE B 243 -3.34 13.28 12.20
SE MSE B 243 -3.88 11.47 12.66
CE MSE B 243 -5.75 11.54 12.07
N LYS B 244 -4.17 17.02 14.71
CA LYS B 244 -5.02 18.01 15.36
C LYS B 244 -4.85 19.42 14.76
N ALA B 245 -3.60 19.73 14.37
CA ALA B 245 -3.15 21.01 13.77
C ALA B 245 -3.69 21.16 12.33
N LEU B 246 -4.13 20.10 11.64
CA LEU B 246 -4.77 20.21 10.29
C LEU B 246 -6.15 20.85 10.43
N PRO B 247 -6.63 21.61 9.42
CA PRO B 247 -8.02 22.08 9.39
C PRO B 247 -8.99 20.92 9.11
N HIS B 248 -8.48 19.79 8.62
CA HIS B 248 -9.30 18.59 8.28
C HIS B 248 -9.99 17.99 9.51
N PHE B 249 -9.43 18.17 10.70
CA PHE B 249 -9.89 17.53 11.96
C PHE B 249 -10.33 18.59 12.97
N ASP B 250 -11.51 18.40 13.57
CA ASP B 250 -12.01 19.18 14.72
C ASP B 250 -11.95 18.20 15.88
N TYR B 251 -11.09 18.45 16.84
CA TYR B 251 -10.84 17.50 17.95
C TYR B 251 -11.96 17.55 19.00
N THR B 252 -12.63 16.42 19.22
CA THR B 252 -13.71 16.27 20.23
C THR B 252 -14.32 14.87 19.98
N SER B 253 -14.76 14.20 21.03
CA SER B 253 -15.49 12.89 20.89
C SER B 253 -16.95 13.14 20.55
N ASP B 254 -17.40 14.39 20.59
CA ASP B 254 -18.79 14.75 20.24
C ASP B 254 -18.85 14.82 18.70
N PHE B 255 -19.18 13.69 18.06
CA PHE B 255 -19.14 13.61 16.58
C PHE B 255 -20.34 14.32 15.96
N SER B 256 -21.26 14.89 16.74
CA SER B 256 -22.25 15.86 16.23
C SER B 256 -21.59 17.23 16.01
N LYS B 257 -20.39 17.46 16.52
CA LYS B 257 -19.68 18.75 16.38
C LYS B 257 -18.32 18.62 15.69
N GLY B 258 -17.62 17.51 15.89
CA GLY B 258 -16.29 17.34 15.28
C GLY B 258 -16.09 15.91 14.83
N ASN B 259 -14.84 15.51 14.67
CA ASN B 259 -14.62 14.28 13.90
C ASN B 259 -13.34 13.56 14.31
N PHE B 260 -12.75 13.88 15.47
CA PHE B 260 -11.40 13.35 15.81
C PHE B 260 -11.24 13.27 17.32
N TYR B 261 -10.77 12.13 17.78
CA TYR B 261 -10.54 11.89 19.21
C TYR B 261 -9.46 10.85 19.42
N PHE B 262 -8.80 10.96 20.58
CA PHE B 262 -7.69 10.07 20.93
C PHE B 262 -7.87 9.70 22.39
N LEU B 263 -8.36 8.48 22.63
CA LEU B 263 -8.64 8.04 24.01
C LEU B 263 -7.39 7.35 24.54
N VAL B 264 -6.89 7.77 25.71
CA VAL B 264 -5.65 7.15 26.25
C VAL B 264 -6.05 6.52 27.59
N ALA B 265 -6.00 5.19 27.71
CA ALA B 265 -6.50 4.46 28.88
C ALA B 265 -5.39 4.43 29.93
N PRO B 266 -5.58 5.05 31.11
CA PRO B 266 -4.52 5.11 32.11
C PRO B 266 -4.17 3.71 32.60
N GLY B 267 -2.90 3.34 32.52
CA GLY B 267 -2.38 2.06 33.06
C GLY B 267 -2.51 0.90 32.09
N ALA B 268 -3.17 1.06 30.94
CA ALA B 268 -3.44 -0.06 30.02
C ALA B 268 -2.19 -0.39 29.20
N THR B 269 -1.92 -1.67 29.14
CA THR B 269 -0.81 -2.29 28.40
C THR B 269 -1.28 -2.70 27.02
N HIS B 270 -0.31 -3.12 26.22
CA HIS B 270 -0.48 -3.60 24.83
C HIS B 270 -1.05 -5.01 24.87
N TRP B 271 -2.33 -5.14 25.22
CA TRP B 271 -2.96 -6.45 25.42
C TRP B 271 -4.46 -6.29 25.14
N TRP B 272 -5.03 -7.25 24.43
CA TRP B 272 -6.49 -7.38 24.17
C TRP B 272 -7.32 -7.29 25.46
N GLY B 273 -6.82 -7.77 26.60
CA GLY B 273 -7.59 -7.63 27.82
C GLY B 273 -7.97 -6.18 28.11
N TYR B 274 -7.12 -5.20 27.76
CA TYR B 274 -7.47 -3.77 27.82
C TYR B 274 -8.15 -3.28 26.53
N VAL B 275 -7.61 -3.67 25.38
CA VAL B 275 -8.04 -3.09 24.06
C VAL B 275 -9.53 -3.37 23.75
N ARG B 276 -10.05 -4.52 24.18
CA ARG B 276 -11.47 -4.83 23.99
C ARG B 276 -12.32 -3.73 24.60
N HIS B 277 -11.88 -3.16 25.72
CA HIS B 277 -12.59 -2.07 26.42
C HIS B 277 -12.57 -0.77 25.61
N TYR B 278 -11.51 -0.52 24.82
CA TYR B 278 -11.45 0.67 23.93
C TYR B 278 -12.58 0.54 22.91
N ILE B 279 -12.85 -0.67 22.45
CA ILE B 279 -13.95 -0.93 21.49
C ILE B 279 -15.29 -0.74 22.20
N TYR B 280 -15.41 -1.18 23.44
CA TYR B 280 -16.64 -0.94 24.25
C TYR B 280 -16.88 0.57 24.39
N ASP B 281 -15.81 1.31 24.65
CA ASP B 281 -15.93 2.80 24.87
C ASP B 281 -16.31 3.50 23.54
N ALA B 282 -15.62 3.18 22.45
CA ALA B 282 -15.64 3.95 21.19
C ALA B 282 -16.73 3.48 20.22
N LEU B 283 -17.00 2.18 20.13
CA LEU B 283 -17.94 1.70 19.10
C LEU B 283 -19.33 2.34 19.29
N PRO B 284 -19.87 2.58 20.51
CA PRO B 284 -21.13 3.31 20.64
C PRO B 284 -21.15 4.74 20.09
N TYR B 285 -19.98 5.33 19.78
CA TYR B 285 -19.82 6.69 19.18
C TYR B 285 -20.05 6.67 17.67
N PHE B 286 -19.98 5.48 17.05
CA PHE B 286 -20.00 5.33 15.57
C PHE B 286 -21.43 5.31 15.01
N PHE B 287 -21.56 5.78 13.78
CA PHE B 287 -22.69 5.56 12.84
C PHE B 287 -23.94 6.37 13.17
N HIS B 288 -23.84 7.48 13.89
CA HIS B 288 -25.04 8.29 14.22
C HIS B 288 -25.12 9.49 13.28
N GLU B 289 -24.05 9.92 12.63
CA GLU B 289 -24.15 11.15 11.80
C GLU B 289 -24.82 10.79 10.46
N LEU B 290 -25.92 11.49 10.12
CA LEU B 290 -26.85 11.25 8.99
C LEU B 290 -27.42 9.81 9.07
N GLU B 291 -27.65 9.28 10.26
CA GLU B 291 -28.26 7.94 10.41
C GLU B 291 -29.71 7.96 9.91
N HIS B 292 -30.24 6.80 9.53
CA HIS B 292 -31.59 6.67 8.92
C HIS B 292 -32.61 6.46 10.05
N HIS B 293 -32.22 6.52 11.32
CA HIS B 293 -33.13 6.46 12.50
C HIS B 293 -33.37 7.86 13.06
N HIS B 294 -34.47 8.04 13.80
CA HIS B 294 -34.79 9.28 14.56
C HIS B 294 -34.28 9.12 15.99
N HIS B 295 -33.05 9.55 16.22
CA HIS B 295 -32.34 9.44 17.52
C HIS B 295 -31.94 10.83 18.00
N HIS B 296 -31.94 11.04 19.32
CA HIS B 296 -31.39 12.27 19.93
C HIS B 296 -30.14 11.87 20.72
N HIS B 297 -28.96 12.28 20.30
CA HIS B 297 -27.67 11.89 20.95
C HIS B 297 -26.96 13.11 21.52
CD CD C . 23.12 -10.43 -21.71
CD CD D . 13.41 -17.20 -18.06
CD CD E . 30.23 -19.66 -22.88
CD CD F . -27.19 6.64 4.32
CD CD G . 5.33 3.05 32.54
CD CD H . -26.59 -9.46 28.69
CD CD I . -36.31 14.90 16.98
CD CD J . -28.13 6.52 16.73
C1 GOL K . -27.63 -8.04 -0.16
O1 GOL K . -26.84 -6.87 -0.41
C2 GOL K . -27.89 -8.20 1.34
O2 GOL K . -28.59 -7.05 1.81
C3 GOL K . -28.69 -9.43 1.66
O3 GOL K . -30.01 -9.30 1.13
#